data_2YXJ
#
_entry.id   2YXJ
#
_cell.length_a   66.321
_cell.length_b   75.370
_cell.length_c   87.778
_cell.angle_alpha   90.00
_cell.angle_beta   90.00
_cell.angle_gamma   90.00
#
_symmetry.space_group_name_H-M   'P 21 21 21'
#
loop_
_entity.id
_entity.type
_entity.pdbx_description
1 polymer 'Apoptosis regulator Bcl-X'
2 non-polymer 'CHLORIDE ION'
3 non-polymer "4-{4-[(4'-CHLOROBIPHENYL-2-YL)METHYL]PIPERAZIN-1-YL}-N-{[4-({(1R)-3-(DIMETHYLAMINO)-1-[(PHENYLTHIO)METHYL]PROPYL}AMINO)-3-NITROPHENYL]SULFONYL}BENZAMIDE"
4 non-polymer GLYCEROL
5 water water
#
_entity_poly.entity_id   1
_entity_poly.type   'polypeptide(L)'
_entity_poly.pdbx_seq_one_letter_code
;MSMAMSQSNRELVVDFLSYKLSQKGYSWSQFSDVEENRTEAPEGTESEAVKQALREAGDEFELRYRRAFSDLTSQLHITP
GTAYQSFEQVVNELFRDGVNWGRIVAFFSFGGALCVESVDKEMQVLVSRIAAWMATYLNDHLEPWIQENGGWDTFVELYG
NNAAAESRKGQERLEHHHHHH
;
_entity_poly.pdbx_strand_id   A,B
#
# COMPACT_ATOMS: atom_id res chain seq x y z
N SER A 8 4.97 4.63 10.14
CA SER A 8 6.20 5.50 10.07
C SER A 8 6.51 6.13 8.69
N ASN A 9 6.66 5.33 7.63
CA ASN A 9 6.51 5.87 6.28
C ASN A 9 5.08 6.31 6.06
N ARG A 10 4.16 5.46 6.51
CA ARG A 10 2.73 5.77 6.64
C ARG A 10 2.52 7.13 7.33
N GLU A 11 3.05 7.23 8.53
CA GLU A 11 2.95 8.43 9.36
C GLU A 11 3.40 9.70 8.59
N LEU A 12 4.58 9.66 7.99
CA LEU A 12 5.12 10.78 7.23
C LEU A 12 4.23 11.19 6.06
N VAL A 13 3.70 10.20 5.37
CA VAL A 13 2.85 10.42 4.22
C VAL A 13 1.56 11.14 4.62
N VAL A 14 0.90 10.57 5.62
CA VAL A 14 -0.36 11.10 6.09
C VAL A 14 -0.18 12.53 6.60
N ASP A 15 0.89 12.77 7.33
CA ASP A 15 1.26 14.10 7.85
C ASP A 15 1.44 15.10 6.74
N PHE A 16 2.20 14.72 5.71
CA PHE A 16 2.50 15.64 4.64
C PHE A 16 1.26 15.90 3.82
N LEU A 17 0.55 14.84 3.49
CA LEU A 17 -0.66 14.99 2.71
C LEU A 17 -1.75 15.77 3.47
N SER A 18 -1.94 15.50 4.76
CA SER A 18 -2.85 16.31 5.60
C SER A 18 -2.53 17.81 5.58
N TYR A 19 -1.26 18.12 5.66
CA TYR A 19 -0.82 19.49 5.63
C TYR A 19 -1.15 20.18 4.33
N LYS A 20 -0.84 19.54 3.21
CA LYS A 20 -1.06 20.17 1.91
C LYS A 20 -2.53 20.30 1.56
N LEU A 21 -3.30 19.30 1.98
CA LEU A 21 -4.76 19.36 1.91
C LEU A 21 -5.29 20.53 2.77
N SER A 22 -4.79 20.65 4.00
CA SER A 22 -5.27 21.74 4.87
C SER A 22 -4.98 23.12 4.31
N GLN A 23 -3.85 23.28 3.63
CA GLN A 23 -3.50 24.58 3.02
C GLN A 23 -4.47 25.01 1.91
N LYS A 24 -5.21 24.05 1.36
CA LYS A 24 -6.27 24.30 0.39
C LYS A 24 -7.69 24.34 1.01
N GLY A 25 -7.82 24.14 2.31
CA GLY A 25 -9.14 24.17 2.95
C GLY A 25 -9.91 22.86 2.98
N TYR A 26 -9.20 21.75 2.77
CA TYR A 26 -9.76 20.39 2.75
C TYR A 26 -9.26 19.62 3.97
N SER A 27 -10.05 18.72 4.55
N SER A 27 -10.08 18.73 4.53
CA SER A 27 -9.58 18.00 5.75
CA SER A 27 -9.60 17.87 5.61
C SER A 27 -9.34 16.51 5.46
C SER A 27 -9.10 16.57 5.05
N TRP A 28 -8.12 16.00 5.74
CA TRP A 28 -7.78 14.59 5.54
C TRP A 28 -8.93 13.70 6.08
N SER A 29 -9.22 13.84 7.38
CA SER A 29 -10.31 13.08 8.03
C SER A 29 -10.22 11.56 7.71
N SER A 47 10.24 12.10 15.46
CA SER A 47 9.58 12.23 14.16
C SER A 47 8.84 13.53 13.96
N GLU A 48 8.62 14.32 15.03
CA GLU A 48 7.98 15.61 14.83
C GLU A 48 8.95 16.51 14.09
N ALA A 49 10.22 16.38 14.42
CA ALA A 49 11.25 17.14 13.79
C ALA A 49 11.30 16.76 12.31
N VAL A 50 11.16 15.45 12.01
CA VAL A 50 11.19 14.96 10.64
C VAL A 50 10.02 15.52 9.89
N LYS A 51 8.85 15.35 10.49
CA LYS A 51 7.63 15.88 9.95
C LYS A 51 7.67 17.41 9.66
N GLN A 52 8.03 18.23 10.64
CA GLN A 52 8.15 19.66 10.39
C GLN A 52 9.15 19.99 9.27
N ALA A 53 10.32 19.38 9.30
CA ALA A 53 11.35 19.62 8.29
C ALA A 53 10.87 19.25 6.90
N LEU A 54 10.03 18.22 6.82
CA LEU A 54 9.52 17.80 5.52
C LEU A 54 8.46 18.78 4.98
N ARG A 55 7.57 19.23 5.85
CA ARG A 55 6.56 20.23 5.47
C ARG A 55 7.21 21.53 5.01
N GLU A 56 8.17 21.99 5.79
CA GLU A 56 8.90 23.19 5.46
C GLU A 56 9.65 23.09 4.11
N ALA A 57 10.35 21.97 3.87
CA ALA A 57 11.00 21.73 2.59
C ALA A 57 10.01 21.63 1.44
N GLY A 58 8.85 20.99 1.64
CA GLY A 58 7.80 21.00 0.67
C GLY A 58 7.32 22.41 0.28
N ASP A 59 6.97 23.23 1.27
CA ASP A 59 6.63 24.64 1.02
C ASP A 59 7.65 25.36 0.16
N GLU A 60 8.91 25.13 0.46
CA GLU A 60 10.02 25.79 -0.21
C GLU A 60 10.30 25.25 -1.60
N PHE A 61 10.24 23.92 -1.76
CA PHE A 61 10.30 23.34 -3.10
C PHE A 61 9.19 23.90 -4.02
N GLU A 62 7.99 24.02 -3.47
CA GLU A 62 6.80 24.34 -4.27
C GLU A 62 6.81 25.77 -4.79
N LEU A 63 7.58 26.63 -4.10
CA LEU A 63 7.82 27.99 -4.48
C LEU A 63 8.97 28.05 -5.43
N ARG A 64 10.11 27.48 -5.06
CA ARG A 64 11.25 27.52 -5.99
C ARG A 64 10.92 26.90 -7.35
N TYR A 65 10.17 25.80 -7.33
CA TYR A 65 9.85 25.04 -8.55
C TYR A 65 8.38 25.14 -8.95
N ARG A 66 7.82 26.33 -8.73
CA ARG A 66 6.42 26.56 -8.98
C ARG A 66 6.04 26.47 -10.45
N ARG A 67 6.98 26.71 -11.36
CA ARG A 67 6.74 26.47 -12.79
C ARG A 67 6.58 24.97 -13.08
N ALA A 68 7.52 24.17 -12.60
CA ALA A 68 7.44 22.73 -12.77
C ALA A 68 6.14 22.18 -12.14
N PHE A 69 5.76 22.74 -10.99
CA PHE A 69 4.53 22.39 -10.28
C PHE A 69 3.30 22.61 -11.16
N SER A 70 3.19 23.79 -11.74
CA SER A 70 2.06 24.13 -12.63
C SER A 70 2.10 23.46 -14.01
N ASP A 71 3.27 23.18 -14.55
CA ASP A 71 3.39 22.34 -15.75
C ASP A 71 2.80 20.96 -15.49
N LEU A 72 3.00 20.48 -14.28
CA LEU A 72 2.56 19.16 -13.91
C LEU A 72 1.07 19.18 -13.77
N THR A 73 0.62 20.03 -12.87
CA THR A 73 -0.80 20.19 -12.52
C THR A 73 -1.71 20.37 -13.76
N SER A 74 -1.31 21.25 -14.68
CA SER A 74 -2.11 21.50 -15.85
C SER A 74 -2.03 20.38 -16.90
N GLN A 75 -1.16 19.39 -16.71
CA GLN A 75 -1.09 18.23 -17.59
C GLN A 75 -1.56 16.91 -17.00
N LEU A 76 -1.83 16.86 -15.69
CA LEU A 76 -2.53 15.73 -15.10
C LEU A 76 -4.00 15.80 -15.48
N HIS A 77 -4.46 14.88 -16.31
CA HIS A 77 -5.88 14.62 -16.49
C HIS A 77 -6.22 13.46 -15.59
N ILE A 78 -6.68 13.75 -14.37
CA ILE A 78 -6.94 12.68 -13.40
C ILE A 78 -8.25 11.95 -13.72
N THR A 79 -8.16 10.64 -13.81
CA THR A 79 -9.32 9.77 -13.69
C THR A 79 -8.87 8.62 -12.80
N PRO A 80 -9.82 7.92 -12.16
CA PRO A 80 -9.42 6.75 -11.39
C PRO A 80 -8.82 5.61 -12.23
N GLY A 81 -9.22 5.47 -13.50
CA GLY A 81 -8.63 4.46 -14.37
C GLY A 81 -7.24 4.79 -14.91
N THR A 82 -6.74 5.99 -14.67
CA THR A 82 -5.38 6.36 -15.09
C THR A 82 -4.52 6.92 -13.99
N ALA A 83 -5.07 7.10 -12.79
CA ALA A 83 -4.33 7.75 -11.71
C ALA A 83 -3.05 7.02 -11.31
N TYR A 84 -3.08 5.70 -11.18
CA TYR A 84 -1.88 4.95 -10.81
C TYR A 84 -0.79 5.14 -11.87
N GLN A 85 -1.21 5.00 -13.11
CA GLN A 85 -0.36 5.15 -14.28
C GLN A 85 0.35 6.52 -14.24
N SER A 86 -0.41 7.58 -13.99
CA SER A 86 0.11 8.94 -13.88
C SER A 86 1.13 9.11 -12.75
N PHE A 87 0.78 8.62 -11.56
CA PHE A 87 1.69 8.56 -10.45
C PHE A 87 3.00 7.82 -10.81
N GLU A 88 2.87 6.64 -11.38
CA GLU A 88 4.04 5.79 -11.66
C GLU A 88 4.96 6.38 -12.69
N GLN A 89 4.38 6.93 -13.73
CA GLN A 89 5.06 7.60 -14.85
C GLN A 89 5.94 8.75 -14.35
N VAL A 90 5.41 9.50 -13.40
CA VAL A 90 6.07 10.71 -12.92
C VAL A 90 7.12 10.35 -11.90
N VAL A 91 6.81 9.39 -11.02
CA VAL A 91 7.75 8.90 -10.03
C VAL A 91 8.92 8.17 -10.67
N ASN A 92 8.67 7.37 -11.70
CA ASN A 92 9.74 6.73 -12.46
C ASN A 92 10.66 7.79 -13.09
N GLU A 93 10.05 8.80 -13.71
CA GLU A 93 10.80 9.92 -14.27
C GLU A 93 11.65 10.61 -13.22
N LEU A 94 11.06 10.86 -12.05
CA LEU A 94 11.69 11.66 -11.01
C LEU A 94 12.98 11.02 -10.45
N PHE A 95 13.01 9.69 -10.36
CA PHE A 95 14.12 8.95 -9.76
C PHE A 95 14.99 8.23 -10.77
N ARG A 96 14.71 8.49 -12.05
CA ARG A 96 15.38 7.89 -13.21
C ARG A 96 16.91 8.01 -13.15
N ASP A 97 17.43 9.15 -12.70
CA ASP A 97 18.88 9.38 -12.67
C ASP A 97 19.49 9.24 -11.29
N GLY A 98 18.73 8.68 -10.34
CA GLY A 98 19.18 8.62 -8.95
C GLY A 98 18.26 9.26 -7.95
N VAL A 99 18.65 9.11 -6.69
CA VAL A 99 17.87 9.56 -5.55
C VAL A 99 18.69 10.55 -4.77
N ASN A 100 18.06 11.63 -4.35
CA ASN A 100 18.67 12.48 -3.33
C ASN A 100 17.56 13.08 -2.50
N TRP A 101 17.90 13.71 -1.39
CA TRP A 101 16.88 14.28 -0.50
C TRP A 101 15.90 15.24 -1.22
N GLY A 102 16.43 16.10 -2.08
CA GLY A 102 15.59 17.04 -2.80
C GLY A 102 14.54 16.35 -3.65
N ARG A 103 14.94 15.26 -4.29
CA ARG A 103 14.00 14.48 -5.12
C ARG A 103 12.96 13.76 -4.25
N ILE A 104 13.38 13.33 -3.07
CA ILE A 104 12.45 12.76 -2.12
C ILE A 104 11.41 13.84 -1.71
N VAL A 105 11.85 15.07 -1.48
CA VAL A 105 10.89 16.14 -1.13
C VAL A 105 9.92 16.35 -2.26
N ALA A 106 10.44 16.42 -3.49
CA ALA A 106 9.62 16.59 -4.70
C ALA A 106 8.59 15.46 -4.87
N PHE A 107 8.99 14.26 -4.51
CA PHE A 107 8.09 13.08 -4.47
C PHE A 107 6.87 13.34 -3.55
N PHE A 108 7.12 13.83 -2.36
CA PHE A 108 6.01 14.21 -1.48
C PHE A 108 5.15 15.37 -2.02
N SER A 109 5.75 16.37 -2.64
CA SER A 109 5.00 17.50 -3.22
C SER A 109 4.14 17.01 -4.36
N PHE A 110 4.67 16.13 -5.16
CA PHE A 110 3.89 15.50 -6.23
C PHE A 110 2.67 14.77 -5.72
N GLY A 111 2.86 13.93 -4.72
CA GLY A 111 1.70 13.27 -4.11
C GLY A 111 0.68 14.26 -3.54
N GLY A 112 1.16 15.33 -2.89
CA GLY A 112 0.28 16.42 -2.46
C GLY A 112 -0.49 17.05 -3.60
N ALA A 113 0.21 17.38 -4.68
CA ALA A 113 -0.43 17.91 -5.86
C ALA A 113 -1.47 16.97 -6.44
N LEU A 114 -1.12 15.71 -6.55
CA LEU A 114 -2.07 14.70 -7.01
C LEU A 114 -3.36 14.65 -6.15
N CYS A 115 -3.21 14.75 -4.85
CA CYS A 115 -4.33 14.68 -3.89
C CYS A 115 -5.23 15.89 -4.00
N VAL A 116 -4.61 17.06 -3.92
CA VAL A 116 -5.31 18.34 -4.07
C VAL A 116 -6.10 18.33 -5.37
N GLU A 117 -5.44 17.90 -6.42
CA GLU A 117 -6.05 17.88 -7.74
C GLU A 117 -7.21 16.87 -7.84
N SER A 118 -7.06 15.71 -7.21
CA SER A 118 -8.13 14.72 -7.21
C SER A 118 -9.36 15.30 -6.50
N VAL A 119 -9.17 16.04 -5.40
CA VAL A 119 -10.28 16.60 -4.65
C VAL A 119 -11.00 17.66 -5.50
N ASP A 120 -10.23 18.55 -6.12
CA ASP A 120 -10.75 19.54 -7.08
C ASP A 120 -11.70 18.93 -8.11
N LYS A 121 -11.33 17.76 -8.63
CA LYS A 121 -12.10 17.12 -9.69
C LYS A 121 -13.17 16.19 -9.11
N GLU A 122 -13.38 16.29 -7.80
CA GLU A 122 -14.32 15.43 -7.10
C GLU A 122 -14.01 13.95 -7.25
N MET A 123 -12.74 13.61 -7.11
CA MET A 123 -12.28 12.24 -7.04
C MET A 123 -11.60 12.07 -5.69
N GLN A 124 -12.28 12.53 -4.64
CA GLN A 124 -11.76 12.48 -3.27
C GLN A 124 -11.36 11.09 -2.87
N VAL A 125 -12.02 10.12 -3.48
CA VAL A 125 -11.75 8.70 -3.25
C VAL A 125 -10.30 8.27 -3.47
N LEU A 126 -9.60 8.97 -4.35
CA LEU A 126 -8.19 8.70 -4.70
C LEU A 126 -7.21 9.10 -3.65
N VAL A 127 -7.61 10.03 -2.78
CA VAL A 127 -6.69 10.56 -1.79
C VAL A 127 -6.07 9.41 -0.97
N SER A 128 -6.93 8.54 -0.42
CA SER A 128 -6.49 7.42 0.41
C SER A 128 -5.64 6.44 -0.40
N ARG A 129 -5.93 6.33 -1.68
CA ARG A 129 -5.17 5.45 -2.56
C ARG A 129 -3.79 6.01 -2.88
N ILE A 130 -3.72 7.32 -3.11
CA ILE A 130 -2.45 7.98 -3.37
C ILE A 130 -1.50 7.86 -2.19
N ALA A 131 -2.05 7.95 -0.98
CA ALA A 131 -1.29 7.73 0.24
C ALA A 131 -0.73 6.31 0.34
N ALA A 132 -1.51 5.33 -0.08
CA ALA A 132 -1.06 3.96 -0.06
C ALA A 132 0.09 3.75 -1.09
N TRP A 133 -0.09 4.26 -2.30
CA TRP A 133 0.91 4.14 -3.38
C TRP A 133 2.22 4.76 -2.96
N MET A 134 2.12 5.91 -2.29
CA MET A 134 3.28 6.63 -1.76
C MET A 134 4.07 5.87 -0.70
N ALA A 135 3.37 5.30 0.28
CA ALA A 135 4.02 4.50 1.33
C ALA A 135 4.72 3.25 0.74
N THR A 136 4.06 2.62 -0.22
CA THR A 136 4.59 1.41 -0.87
C THR A 136 5.88 1.71 -1.61
N TYR A 137 5.88 2.82 -2.36
CA TYR A 137 7.09 3.28 -3.05
C TYR A 137 8.22 3.59 -2.08
N LEU A 138 7.91 4.31 -1.02
CA LEU A 138 8.90 4.55 0.04
C LEU A 138 9.39 3.22 0.58
N ASN A 139 8.45 2.37 1.00
CA ASN A 139 8.81 1.12 1.63
C ASN A 139 9.67 0.22 0.73
N ASP A 140 9.25 0.11 -0.54
CA ASP A 140 9.87 -0.84 -1.47
C ASP A 140 11.11 -0.27 -2.14
N HIS A 141 11.01 0.99 -2.57
CA HIS A 141 12.01 1.55 -3.49
C HIS A 141 12.92 2.62 -2.89
N LEU A 142 12.43 3.44 -1.98
CA LEU A 142 13.26 4.54 -1.40
C LEU A 142 14.01 4.16 -0.12
N GLU A 143 13.48 3.20 0.62
CA GLU A 143 14.05 2.77 1.90
C GLU A 143 15.54 2.36 1.87
N PRO A 144 15.94 1.52 0.91
CA PRO A 144 17.42 1.26 0.86
C PRO A 144 18.31 2.52 0.70
N TRP A 145 17.92 3.48 -0.13
CA TRP A 145 18.71 4.71 -0.24
C TRP A 145 18.62 5.54 1.06
N ILE A 146 17.44 5.68 1.62
CA ILE A 146 17.28 6.40 2.87
C ILE A 146 18.19 5.84 4.00
N GLN A 147 18.16 4.53 4.23
CA GLN A 147 18.98 3.92 5.26
C GLN A 147 20.46 4.07 4.98
N GLU A 148 20.83 3.98 3.71
CA GLU A 148 22.24 4.09 3.33
C GLU A 148 22.77 5.53 3.53
N ASN A 149 21.90 6.53 3.43
CA ASN A 149 22.26 7.95 3.52
C ASN A 149 21.91 8.63 4.85
N GLY A 150 21.80 7.82 5.91
CA GLY A 150 21.71 8.33 7.27
C GLY A 150 20.31 8.39 7.87
N GLY A 151 19.32 7.87 7.15
CA GLY A 151 17.94 7.94 7.60
C GLY A 151 17.42 9.38 7.66
N TRP A 152 16.20 9.50 8.12
CA TRP A 152 15.52 10.78 8.22
C TRP A 152 16.17 11.72 9.20
N ASP A 153 16.88 11.20 10.20
CA ASP A 153 17.60 12.10 11.12
C ASP A 153 18.64 12.91 10.37
N THR A 154 19.22 12.31 9.34
CA THR A 154 20.21 12.99 8.53
C THR A 154 19.55 14.05 7.65
N PHE A 155 18.35 13.77 7.14
CA PHE A 155 17.58 14.81 6.45
C PHE A 155 17.36 16.04 7.37
N VAL A 156 16.97 15.78 8.60
CA VAL A 156 16.67 16.82 9.56
C VAL A 156 17.93 17.61 9.84
N GLU A 157 19.02 16.88 10.11
CA GLU A 157 20.30 17.48 10.32
C GLU A 157 20.76 18.40 9.18
N LEU A 158 20.43 18.09 7.93
CA LEU A 158 20.93 18.84 6.78
C LEU A 158 19.95 19.92 6.29
N TYR A 159 18.66 19.71 6.50
CA TYR A 159 17.64 20.62 5.94
C TYR A 159 16.56 21.05 6.95
N GLY A 160 16.71 20.67 8.22
CA GLY A 160 15.82 21.16 9.30
C GLY A 160 16.16 22.58 9.77
N ASN A 161 15.12 23.33 10.17
CA ASN A 161 15.19 24.79 10.46
C ASN A 161 15.80 25.63 9.34
N SER B 6 3.44 -6.59 16.73
CA SER B 6 4.42 -5.99 15.74
C SER B 6 4.65 -6.94 14.55
N GLN B 7 5.23 -8.10 14.86
CA GLN B 7 5.57 -9.12 13.87
C GLN B 7 4.43 -10.15 13.80
N SER B 8 3.33 -9.85 14.50
CA SER B 8 2.20 -10.79 14.63
C SER B 8 1.36 -10.86 13.37
N ASN B 9 1.04 -9.71 12.81
CA ASN B 9 0.37 -9.64 11.52
C ASN B 9 1.20 -10.28 10.41
N ARG B 10 2.50 -10.05 10.41
CA ARG B 10 3.33 -10.73 9.42
C ARG B 10 3.40 -12.24 9.61
N GLU B 11 3.38 -12.69 10.86
CA GLU B 11 3.38 -14.13 11.13
C GLU B 11 2.08 -14.75 10.58
N LEU B 12 0.98 -14.02 10.70
CA LEU B 12 -0.31 -14.47 10.20
C LEU B 12 -0.27 -14.61 8.69
N VAL B 13 0.32 -13.62 8.04
CA VAL B 13 0.43 -13.60 6.61
C VAL B 13 1.23 -14.81 6.16
N VAL B 14 2.42 -14.99 6.73
CA VAL B 14 3.27 -16.12 6.40
C VAL B 14 2.58 -17.45 6.60
N ASP B 15 1.89 -17.61 7.73
CA ASP B 15 1.17 -18.86 8.03
C ASP B 15 0.10 -19.14 6.98
N PHE B 16 -0.69 -18.15 6.69
CA PHE B 16 -1.78 -18.34 5.74
C PHE B 16 -1.23 -18.67 4.34
N LEU B 17 -0.26 -17.87 3.90
CA LEU B 17 0.32 -18.08 2.57
C LEU B 17 1.00 -19.42 2.44
N SER B 18 1.72 -19.86 3.47
CA SER B 18 2.40 -21.16 3.42
C SER B 18 1.39 -22.28 3.29
N TYR B 19 0.28 -22.14 4.02
CA TYR B 19 -0.83 -23.09 3.97
C TYR B 19 -1.40 -23.17 2.57
N LYS B 20 -1.70 -22.00 1.99
CA LYS B 20 -2.33 -21.98 0.68
C LYS B 20 -1.43 -22.48 -0.40
N LEU B 21 -0.15 -22.12 -0.35
CA LEU B 21 0.83 -22.66 -1.29
C LEU B 21 0.97 -24.18 -1.15
N SER B 22 1.14 -24.62 0.07
CA SER B 22 1.18 -26.05 0.41
C SER B 22 0.06 -26.86 -0.22
N GLN B 23 -1.16 -26.35 -0.13
CA GLN B 23 -2.32 -27.02 -0.72
C GLN B 23 -2.15 -27.25 -2.22
N LYS B 24 -1.32 -26.43 -2.88
CA LYS B 24 -1.11 -26.57 -4.35
C LYS B 24 0.21 -27.26 -4.68
N GLY B 25 0.84 -27.86 -3.68
CA GLY B 25 2.11 -28.55 -3.87
C GLY B 25 3.32 -27.64 -3.88
N TYR B 26 3.17 -26.40 -3.42
CA TYR B 26 4.27 -25.45 -3.40
C TYR B 26 4.69 -25.18 -1.98
N SER B 27 5.97 -24.87 -1.81
CA SER B 27 6.55 -24.74 -0.50
C SER B 27 6.98 -23.29 -0.26
N TRP B 28 6.48 -22.67 0.82
CA TRP B 28 6.85 -21.30 1.20
C TRP B 28 8.37 -21.01 1.19
N SER B 29 9.14 -21.96 1.67
CA SER B 29 10.57 -21.79 1.84
C SER B 29 11.33 -21.74 0.49
N GLN B 30 10.74 -22.26 -0.57
CA GLN B 30 11.27 -22.11 -1.94
C GLN B 30 11.38 -20.66 -2.39
N PHE B 31 10.53 -19.79 -1.84
CA PHE B 31 10.35 -18.42 -2.31
C PHE B 31 10.75 -17.36 -1.29
N SER B 32 11.09 -17.80 -0.07
CA SER B 32 11.46 -16.90 1.03
C SER B 32 12.56 -17.49 1.90
N ASP B 33 13.16 -16.63 2.72
CA ASP B 33 13.93 -17.10 3.88
C ASP B 33 13.04 -16.92 5.11
N SER B 47 -1.16 -16.68 18.10
CA SER B 47 -1.85 -17.86 18.61
C SER B 47 -2.10 -18.89 17.49
N GLU B 48 -1.87 -20.16 17.80
CA GLU B 48 -2.23 -21.26 16.88
C GLU B 48 -3.76 -21.29 16.65
N ALA B 49 -4.49 -20.89 17.68
CA ALA B 49 -5.96 -20.76 17.61
C ALA B 49 -6.38 -19.79 16.51
N VAL B 50 -5.73 -18.63 16.44
CA VAL B 50 -6.05 -17.62 15.42
C VAL B 50 -5.64 -18.11 14.03
N LYS B 51 -4.44 -18.66 13.92
CA LYS B 51 -3.93 -19.17 12.66
C LYS B 51 -4.83 -20.25 12.08
N GLN B 52 -5.13 -21.23 12.93
CA GLN B 52 -6.11 -22.28 12.62
C GLN B 52 -7.48 -21.81 12.08
N ALA B 53 -8.17 -20.97 12.85
CA ALA B 53 -9.48 -20.47 12.45
C ALA B 53 -9.45 -19.66 11.15
N LEU B 54 -8.33 -18.96 10.88
CA LEU B 54 -8.20 -18.19 9.65
C LEU B 54 -7.99 -19.10 8.44
N ARG B 55 -7.15 -20.12 8.58
CA ARG B 55 -6.99 -21.15 7.54
C ARG B 55 -8.32 -21.80 7.18
N GLU B 56 -9.08 -22.16 8.21
CA GLU B 56 -10.35 -22.88 8.02
C GLU B 56 -11.37 -21.95 7.39
N ALA B 57 -11.42 -20.72 7.87
CA ALA B 57 -12.32 -19.73 7.30
C ALA B 57 -11.95 -19.45 5.84
N GLY B 58 -10.66 -19.45 5.53
CA GLY B 58 -10.17 -19.26 4.16
C GLY B 58 -10.60 -20.36 3.22
N ASP B 59 -10.43 -21.61 3.67
CA ASP B 59 -10.89 -22.78 2.93
C ASP B 59 -12.41 -22.66 2.64
N GLU B 60 -13.16 -22.19 3.63
CA GLU B 60 -14.60 -22.10 3.50
C GLU B 60 -15.02 -21.03 2.53
N PHE B 61 -14.46 -19.85 2.73
CA PHE B 61 -14.69 -18.72 1.86
C PHE B 61 -14.39 -19.17 0.44
N GLU B 62 -13.27 -19.85 0.25
CA GLU B 62 -12.84 -20.19 -1.11
C GLU B 62 -13.77 -21.16 -1.79
N LEU B 63 -14.33 -22.08 -1.03
CA LEU B 63 -15.31 -22.96 -1.61
C LEU B 63 -16.64 -22.25 -1.94
N ARG B 64 -17.11 -21.39 -1.04
CA ARG B 64 -18.40 -20.72 -1.22
CA ARG B 64 -18.41 -20.75 -1.24
C ARG B 64 -18.29 -19.74 -2.37
N TYR B 65 -17.16 -19.06 -2.44
CA TYR B 65 -16.91 -18.01 -3.44
C TYR B 65 -15.94 -18.45 -4.53
N ARG B 66 -16.05 -19.72 -4.88
CA ARG B 66 -15.21 -20.36 -5.88
C ARG B 66 -15.34 -19.74 -7.26
N ARG B 67 -16.51 -19.21 -7.58
CA ARG B 67 -16.75 -18.58 -8.87
C ARG B 67 -15.98 -17.23 -8.94
N ALA B 68 -16.23 -16.37 -7.96
CA ALA B 68 -15.49 -15.12 -7.81
C ALA B 68 -13.98 -15.32 -7.77
N PHE B 69 -13.54 -16.39 -7.12
CA PHE B 69 -12.12 -16.76 -7.06
C PHE B 69 -11.56 -16.97 -8.44
N SER B 70 -12.24 -17.80 -9.24
CA SER B 70 -11.72 -18.14 -10.55
C SER B 70 -11.94 -17.03 -11.59
N ASP B 71 -13.05 -16.28 -11.48
CA ASP B 71 -13.26 -15.05 -12.29
C ASP B 71 -12.11 -14.04 -12.10
N LEU B 72 -11.71 -13.84 -10.86
CA LEU B 72 -10.65 -12.92 -10.53
C LEU B 72 -9.32 -13.33 -11.13
N THR B 73 -8.98 -14.59 -10.93
CA THR B 73 -7.69 -15.14 -11.36
C THR B 73 -7.55 -15.15 -12.88
N SER B 74 -8.65 -15.40 -13.58
CA SER B 74 -8.67 -15.33 -15.06
C SER B 74 -8.61 -13.87 -15.58
N GLN B 75 -8.98 -12.92 -14.73
CA GLN B 75 -9.00 -11.47 -15.04
C GLN B 75 -7.68 -10.77 -14.70
N LEU B 76 -6.95 -11.32 -13.75
CA LEU B 76 -5.65 -10.76 -13.41
C LEU B 76 -4.67 -11.32 -14.40
N HIS B 77 -4.02 -10.45 -15.13
CA HIS B 77 -2.94 -10.87 -16.04
CA HIS B 77 -2.97 -10.91 -16.01
C HIS B 77 -1.67 -10.50 -15.33
N ILE B 78 -1.25 -11.35 -14.39
CA ILE B 78 -0.18 -11.04 -13.44
C ILE B 78 1.19 -10.89 -14.12
N THR B 79 1.82 -9.72 -13.90
CA THR B 79 3.19 -9.49 -14.33
C THR B 79 3.94 -8.84 -13.17
N PRO B 80 5.27 -8.96 -13.14
CA PRO B 80 5.96 -8.28 -12.06
C PRO B 80 5.71 -6.77 -12.02
N GLY B 81 5.56 -6.15 -13.18
CA GLY B 81 5.39 -4.69 -13.28
C GLY B 81 3.99 -4.15 -13.01
N THR B 82 2.99 -5.01 -13.07
CA THR B 82 1.62 -4.65 -12.72
C THR B 82 1.10 -5.31 -11.45
N ALA B 83 1.92 -6.13 -10.80
CA ALA B 83 1.51 -6.84 -9.59
C ALA B 83 0.94 -5.94 -8.49
N TYR B 84 1.69 -4.92 -8.10
CA TYR B 84 1.25 -4.05 -6.99
C TYR B 84 -0.05 -3.27 -7.35
N GLN B 85 -0.11 -2.79 -8.58
CA GLN B 85 -1.27 -2.06 -9.06
C GLN B 85 -2.49 -2.94 -8.98
N SER B 86 -2.34 -4.20 -9.39
CA SER B 86 -3.45 -5.17 -9.31
C SER B 86 -3.84 -5.46 -7.88
N PHE B 87 -2.83 -5.75 -7.06
CA PHE B 87 -3.02 -5.91 -5.64
C PHE B 87 -3.80 -4.72 -5.06
N GLU B 88 -3.25 -3.51 -5.08
CA GLU B 88 -3.94 -2.41 -4.38
C GLU B 88 -5.35 -2.14 -4.93
N GLN B 89 -5.52 -2.37 -6.22
CA GLN B 89 -6.78 -2.11 -6.90
C GLN B 89 -7.92 -3.02 -6.40
N VAL B 90 -7.57 -4.27 -6.13
CA VAL B 90 -8.56 -5.27 -5.74
C VAL B 90 -8.85 -5.07 -4.24
N VAL B 91 -7.80 -4.90 -3.45
CA VAL B 91 -7.97 -4.59 -2.02
C VAL B 91 -8.79 -3.30 -1.78
N ASN B 92 -8.51 -2.24 -2.54
CA ASN B 92 -9.33 -1.05 -2.44
C ASN B 92 -10.83 -1.40 -2.64
N GLU B 93 -11.13 -2.11 -3.73
CA GLU B 93 -12.48 -2.57 -4.01
C GLU B 93 -13.04 -3.40 -2.86
N LEU B 94 -12.24 -4.30 -2.32
CA LEU B 94 -12.71 -5.20 -1.28
C LEU B 94 -13.18 -4.47 -0.02
N PHE B 95 -12.55 -3.34 0.30
CA PHE B 95 -12.87 -2.61 1.55
C PHE B 95 -13.52 -1.27 1.25
N ARG B 96 -13.98 -1.14 0.01
CA ARG B 96 -14.51 0.09 -0.60
C ARG B 96 -15.54 0.71 0.34
N ASP B 97 -16.49 -0.10 0.78
CA ASP B 97 -17.52 0.38 1.69
C ASP B 97 -17.45 -0.36 3.04
N GLY B 98 -16.22 -0.50 3.55
CA GLY B 98 -15.97 -0.84 4.95
C GLY B 98 -15.41 -2.22 5.19
N VAL B 99 -14.91 -2.40 6.42
CA VAL B 99 -14.29 -3.62 6.92
C VAL B 99 -15.30 -4.44 7.73
N ASN B 100 -15.31 -5.75 7.49
CA ASN B 100 -15.89 -6.70 8.43
C ASN B 100 -15.01 -7.94 8.40
N TRP B 101 -15.31 -8.95 9.22
CA TRP B 101 -14.40 -10.09 9.36
C TRP B 101 -14.33 -10.92 8.08
N GLY B 102 -15.45 -11.04 7.38
CA GLY B 102 -15.48 -11.82 6.15
C GLY B 102 -14.56 -11.22 5.08
N ARG B 103 -14.54 -9.89 5.01
CA ARG B 103 -13.72 -9.16 4.05
C ARG B 103 -12.25 -9.32 4.36
N ILE B 104 -11.91 -9.37 5.63
CA ILE B 104 -10.55 -9.68 6.05
C ILE B 104 -10.12 -11.11 5.63
N VAL B 105 -11.00 -12.09 5.82
CA VAL B 105 -10.71 -13.44 5.34
C VAL B 105 -10.48 -13.43 3.84
N ALA B 106 -11.41 -12.81 3.10
CA ALA B 106 -11.30 -12.62 1.63
C ALA B 106 -9.94 -12.06 1.18
N PHE B 107 -9.44 -11.09 1.95
CA PHE B 107 -8.18 -10.36 1.72
C PHE B 107 -7.03 -11.35 1.76
N PHE B 108 -7.03 -12.22 2.77
CA PHE B 108 -6.05 -13.29 2.88
C PHE B 108 -6.14 -14.27 1.71
N SER B 109 -7.36 -14.74 1.43
CA SER B 109 -7.61 -15.68 0.35
C SER B 109 -7.18 -15.09 -0.99
N PHE B 110 -7.36 -13.79 -1.15
CA PHE B 110 -6.95 -13.08 -2.38
C PHE B 110 -5.42 -13.07 -2.52
N GLY B 111 -4.75 -12.76 -1.41
CA GLY B 111 -3.29 -12.87 -1.32
C GLY B 111 -2.76 -14.27 -1.62
N GLY B 112 -3.46 -15.28 -1.15
CA GLY B 112 -3.14 -16.68 -1.47
C GLY B 112 -3.26 -17.05 -2.92
N ALA B 113 -4.37 -16.65 -3.54
CA ALA B 113 -4.59 -16.83 -4.96
C ALA B 113 -3.52 -16.10 -5.81
N LEU B 114 -3.19 -14.87 -5.39
CA LEU B 114 -2.23 -14.01 -6.10
C LEU B 114 -0.87 -14.71 -6.11
N CYS B 115 -0.47 -15.26 -4.96
CA CYS B 115 0.79 -16.02 -4.82
C CYS B 115 0.80 -17.32 -5.61
N VAL B 116 -0.25 -18.14 -5.50
CA VAL B 116 -0.35 -19.35 -6.30
C VAL B 116 -0.31 -19.02 -7.79
N GLU B 117 -1.04 -17.97 -8.19
CA GLU B 117 -1.06 -17.62 -9.59
C GLU B 117 0.36 -17.21 -10.08
N SER B 118 1.06 -16.47 -9.23
CA SER B 118 2.42 -15.97 -9.54
C SER B 118 3.40 -17.13 -9.77
N VAL B 119 3.39 -18.13 -8.88
CA VAL B 119 4.24 -19.30 -9.00
C VAL B 119 3.86 -20.11 -10.24
N ASP B 120 2.55 -20.27 -10.47
CA ASP B 120 2.03 -20.96 -11.64
C ASP B 120 2.58 -20.31 -12.86
N LYS B 121 2.59 -18.98 -12.85
CA LYS B 121 3.05 -18.22 -14.01
C LYS B 121 4.53 -17.89 -13.99
N GLU B 122 5.29 -18.57 -13.12
CA GLU B 122 6.77 -18.55 -13.13
C GLU B 122 7.35 -17.23 -12.67
N MET B 123 6.60 -16.52 -11.85
CA MET B 123 7.04 -15.28 -11.24
C MET B 123 7.14 -15.48 -9.73
N GLN B 124 8.10 -16.31 -9.34
CA GLN B 124 8.21 -16.70 -7.91
C GLN B 124 8.62 -15.54 -7.02
N VAL B 125 9.31 -14.60 -7.63
CA VAL B 125 9.76 -13.40 -6.89
C VAL B 125 8.60 -12.54 -6.31
N LEU B 126 7.40 -12.70 -6.84
CA LEU B 126 6.25 -11.97 -6.34
C LEU B 126 5.68 -12.51 -5.03
N VAL B 127 6.05 -13.73 -4.64
CA VAL B 127 5.46 -14.27 -3.42
C VAL B 127 5.82 -13.37 -2.21
N SER B 128 7.12 -13.15 -1.98
CA SER B 128 7.58 -12.37 -0.83
C SER B 128 7.12 -10.92 -0.91
N ARG B 129 6.92 -10.45 -2.15
CA ARG B 129 6.50 -9.09 -2.41
C ARG B 129 5.05 -8.94 -2.01
N ILE B 130 4.19 -9.86 -2.47
CA ILE B 130 2.76 -9.90 -2.05
C ILE B 130 2.66 -10.05 -0.51
N ALA B 131 3.43 -10.96 0.07
CA ALA B 131 3.42 -11.14 1.52
C ALA B 131 3.65 -9.83 2.27
N ALA B 132 4.65 -9.05 1.83
CA ALA B 132 4.92 -7.72 2.43
C ALA B 132 3.85 -6.67 2.18
N TRP B 133 3.25 -6.65 1.00
CA TRP B 133 2.21 -5.69 0.78
C TRP B 133 1.03 -6.05 1.68
N MET B 134 0.78 -7.35 1.87
CA MET B 134 -0.32 -7.82 2.73
C MET B 134 -0.12 -7.39 4.20
N ALA B 135 1.08 -7.67 4.75
CA ALA B 135 1.43 -7.28 6.13
C ALA B 135 1.23 -5.78 6.38
N THR B 136 1.72 -4.99 5.44
CA THR B 136 1.58 -3.57 5.48
C THR B 136 0.14 -3.12 5.48
N TYR B 137 -0.69 -3.76 4.67
CA TYR B 137 -2.08 -3.38 4.60
C TYR B 137 -2.78 -3.71 5.91
N LEU B 138 -2.46 -4.88 6.48
CA LEU B 138 -2.93 -5.24 7.83
C LEU B 138 -2.60 -4.13 8.81
N ASN B 139 -1.32 -3.82 8.90
CA ASN B 139 -0.79 -2.85 9.87
C ASN B 139 -1.34 -1.43 9.77
N ASP B 140 -1.40 -0.91 8.55
CA ASP B 140 -1.81 0.46 8.28
C ASP B 140 -3.32 0.61 8.12
N HIS B 141 -4.00 -0.38 7.55
CA HIS B 141 -5.40 -0.16 7.16
C HIS B 141 -6.46 -1.01 7.86
N LEU B 142 -6.03 -2.07 8.54
CA LEU B 142 -6.95 -3.05 9.12
C LEU B 142 -6.79 -3.17 10.63
N GLU B 143 -5.58 -2.99 11.12
CA GLU B 143 -5.28 -3.19 12.53
C GLU B 143 -6.10 -2.26 13.44
N PRO B 144 -6.36 -1.03 13.00
CA PRO B 144 -7.22 -0.22 13.87
C PRO B 144 -8.63 -0.81 14.05
N TRP B 145 -9.25 -1.27 12.97
CA TRP B 145 -10.59 -1.84 13.04
C TRP B 145 -10.59 -3.12 13.88
N ILE B 146 -9.57 -3.94 13.70
CA ILE B 146 -9.42 -5.20 14.42
C ILE B 146 -9.46 -4.92 15.94
N GLN B 147 -8.87 -3.81 16.36
CA GLN B 147 -8.90 -3.37 17.77
C GLN B 147 -10.27 -2.86 18.20
N GLU B 148 -10.80 -1.88 17.46
CA GLU B 148 -12.20 -1.44 17.64
C GLU B 148 -13.23 -2.59 17.75
N ASN B 149 -12.86 -3.80 17.31
CA ASN B 149 -13.80 -4.93 17.15
C ASN B 149 -13.39 -6.23 17.87
N GLY B 150 -12.58 -6.11 18.91
CA GLY B 150 -12.30 -7.22 19.82
C GLY B 150 -11.04 -8.03 19.53
N GLY B 151 -10.23 -7.58 18.59
CA GLY B 151 -9.04 -8.33 18.20
C GLY B 151 -9.34 -9.70 17.60
N TRP B 152 -8.28 -10.42 17.27
CA TRP B 152 -8.37 -11.75 16.63
C TRP B 152 -8.93 -12.85 17.54
N ASP B 153 -9.05 -12.58 18.84
CA ASP B 153 -9.67 -13.52 19.75
C ASP B 153 -11.17 -13.56 19.53
N THR B 154 -11.76 -12.39 19.29
CA THR B 154 -13.18 -12.28 18.96
C THR B 154 -13.54 -12.94 17.61
N PHE B 155 -12.63 -12.85 16.64
CA PHE B 155 -12.77 -13.62 15.41
C PHE B 155 -12.87 -15.14 15.68
N VAL B 156 -11.96 -15.68 16.49
CA VAL B 156 -11.91 -17.10 16.76
C VAL B 156 -13.17 -17.55 17.50
N GLU B 157 -13.60 -16.74 18.47
CA GLU B 157 -14.85 -16.99 19.21
C GLU B 157 -16.03 -17.03 18.24
N LEU B 158 -16.10 -16.06 17.33
CA LEU B 158 -17.20 -15.96 16.38
C LEU B 158 -17.17 -17.03 15.30
N TYR B 159 -15.98 -17.40 14.82
CA TYR B 159 -15.87 -18.22 13.62
C TYR B 159 -14.80 -19.33 13.66
N GLY B 160 -14.44 -19.85 14.84
CA GLY B 160 -13.65 -21.09 14.95
C GLY B 160 -14.35 -22.18 15.76
#